data_9BAL
#
_entry.id   9BAL
#
_cell.length_a   68.960
_cell.length_b   77.410
_cell.length_c   100.090
_cell.angle_alpha   90.000
_cell.angle_beta   90.000
_cell.angle_gamma   90.000
#
_symmetry.space_group_name_H-M   'P 21 21 21'
#
loop_
_entity.id
_entity.type
_entity.pdbx_description
1 polymer 'Surface glycan-binding protein A (SGBP-A)'
2 branched beta-D-glucopyranose-(1-4)-beta-D-glucopyranose-(1-4)-beta-D-glucopyranose-(1-4)-beta-D-glucopyranose-(1-4)-beta-D-glucopyranose
3 non-polymer 'MAGNESIUM ION'
4 water water
#
_entity_poly.entity_id   1
_entity_poly.type   'polypeptide(L)'
_entity_poly.pdbx_seq_one_letter_code
;SNADMMERTNTDKTKVNQLDPNAQLTTSLLQTYGDFSLMDTYRNYITGFTQHFAGGWNVTNYAGAVHHEDDIARRIWDRY
YEVAIKNLVDAIHKSEDKANLNAALRIHRVYLLSVLADTYGDIPASEAGLGYISGISNPKYDTVEDLYGWFFTELDACEQ
QLGTGTDHISGDVTSMGGDVAKWKKYANSLRMRYAMRISDVNPSKGQEEFEKAMNHADGYIASAADDAYIKYADSPYTYY
DGANDYDFRTNALGEILYGQDPSSPTFVSSTLFYQLQNTGDPRLYRICRHYYNIKRSQVKPDKEQNIDLTDEVLAYFQRN
NIGEEPCNTGSAWYENWMNVADAAEFPTLAKLAEQDANSYDNSDYRARLMRPCLNIDFEMPSCPGILITSAEVDFLLAEA
KTKGWNVSGDAESHYEAGVRASMEMLNNYYLTSNKISEDEINAFIANNQLGENPKQTINTQAWILHMMNPSEAWANMRRS
DYPALLDRSRLATFPGDGFVYDDPNMSMPTRLRYPELEGQYNSVNYKAAIERMGGTDDWHKKLWWDKSDVNVQGDFNPPY
GKGYIKIGSG
;
_entity_poly.pdbx_strand_id   A
#
# COMPACT_ATOMS: atom_id res chain seq x y z
N LEU A 19 24.35 -17.13 -2.94
CA LEU A 19 25.41 -17.25 -3.94
C LEU A 19 24.87 -17.79 -5.25
N ASP A 20 23.89 -18.68 -5.16
CA ASP A 20 23.21 -19.19 -6.36
C ASP A 20 22.23 -18.13 -6.86
N PRO A 21 22.25 -17.77 -8.15
CA PRO A 21 21.43 -16.64 -8.58
C PRO A 21 19.92 -16.87 -8.46
N ASN A 22 19.44 -18.11 -8.56
CA ASN A 22 18.02 -18.34 -8.29
C ASN A 22 17.70 -18.06 -6.82
N ALA A 23 18.62 -18.39 -5.92
CA ALA A 23 18.38 -18.09 -4.51
C ALA A 23 18.40 -16.60 -4.25
N GLN A 24 19.20 -15.84 -5.01
CA GLN A 24 19.19 -14.39 -4.89
C GLN A 24 17.89 -13.80 -5.40
N LEU A 25 17.33 -14.38 -6.47
CA LEU A 25 15.98 -13.98 -6.87
C LEU A 25 14.99 -14.24 -5.75
N THR A 26 15.04 -15.42 -5.14
CA THR A 26 14.10 -15.73 -4.06
C THR A 26 14.17 -14.69 -2.95
N THR A 27 15.39 -14.40 -2.46
CA THR A 27 15.54 -13.47 -1.37
C THR A 27 15.01 -12.10 -1.73
N SER A 28 15.31 -11.63 -2.95
CA SER A 28 14.91 -10.30 -3.34
CA SER A 28 14.90 -10.29 -3.34
C SER A 28 13.40 -10.20 -3.54
N LEU A 29 12.76 -11.26 -4.02
CA LEU A 29 11.30 -11.27 -4.13
C LEU A 29 10.66 -11.27 -2.76
N LEU A 30 11.12 -12.16 -1.87
CA LEU A 30 10.49 -12.24 -0.56
C LEU A 30 10.68 -10.96 0.24
N GLN A 31 11.81 -10.26 0.07
CA GLN A 31 12.02 -9.06 0.88
C GLN A 31 10.96 -8.01 0.65
N THR A 32 10.38 -7.96 -0.55
CA THR A 32 9.44 -6.92 -0.94
C THR A 32 8.45 -6.60 0.17
N TYR A 33 7.73 -7.62 0.63
CA TYR A 33 6.81 -7.46 1.77
C TYR A 33 7.26 -8.22 2.99
N GLY A 34 8.34 -8.98 2.92
CA GLY A 34 8.67 -9.86 4.02
C GLY A 34 9.62 -9.33 5.05
N ASP A 35 10.14 -8.11 4.89
CA ASP A 35 11.16 -7.57 5.78
C ASP A 35 10.50 -6.62 6.79
N PHE A 36 10.34 -7.10 8.02
CA PHE A 36 9.71 -6.29 9.06
C PHE A 36 10.48 -5.01 9.33
N SER A 37 11.79 -5.00 9.06
CA SER A 37 12.61 -3.87 9.42
C SER A 37 12.47 -2.71 8.44
N LEU A 38 11.71 -2.85 7.36
CA LEU A 38 11.30 -1.68 6.62
C LEU A 38 9.84 -1.33 6.79
N MET A 39 9.05 -2.18 7.47
CA MET A 39 7.61 -1.96 7.55
C MET A 39 7.22 -0.79 8.43
N ASP A 40 8.09 -0.31 9.32
CA ASP A 40 7.74 0.89 10.06
C ASP A 40 7.51 2.07 9.12
N THR A 41 8.18 2.11 7.97
CA THR A 41 7.88 3.20 7.04
C THR A 41 6.45 3.10 6.53
N TYR A 42 5.95 1.88 6.34
CA TYR A 42 4.59 1.72 5.83
C TYR A 42 3.54 1.95 6.92
N ARG A 43 3.78 1.46 8.13
CA ARG A 43 2.82 1.70 9.21
C ARG A 43 2.85 3.16 9.65
N ASN A 44 4.05 3.73 9.79
CA ASN A 44 4.18 5.04 10.41
C ASN A 44 3.90 6.17 9.43
N TYR A 45 4.28 6.00 8.16
CA TYR A 45 4.09 7.04 7.15
C TYR A 45 3.10 6.64 6.07
N ILE A 46 3.42 5.68 5.21
CA ILE A 46 2.77 5.57 3.90
CA ILE A 46 2.76 5.66 3.92
C ILE A 46 1.28 5.30 4.04
N THR A 47 0.91 4.30 4.88
CA THR A 47 -0.52 3.98 4.98
C THR A 47 -1.30 5.03 5.77
N GLY A 48 -0.60 5.94 6.45
CA GLY A 48 -1.25 7.10 7.04
C GLY A 48 -1.40 8.21 6.02
N PHE A 49 -0.37 8.41 5.18
CA PHE A 49 -0.47 9.40 4.11
C PHE A 49 -1.67 9.12 3.21
N THR A 50 -1.87 7.85 2.86
CA THR A 50 -2.98 7.47 1.99
C THR A 50 -4.32 7.57 2.69
N GLN A 51 -4.31 7.77 4.01
CA GLN A 51 -5.52 7.82 4.85
C GLN A 51 -6.31 6.52 4.78
N HIS A 52 -5.63 5.37 4.58
CA HIS A 52 -6.34 4.12 4.81
C HIS A 52 -6.53 3.88 6.31
N PHE A 53 -5.51 4.19 7.09
CA PHE A 53 -5.48 3.84 8.51
C PHE A 53 -5.21 5.08 9.36
N ALA A 54 -5.88 5.12 10.50
CA ALA A 54 -5.69 6.16 11.49
C ALA A 54 -6.17 5.61 12.82
N GLY A 55 -5.49 6.02 13.89
CA GLY A 55 -5.91 5.73 15.26
C GLY A 55 -4.85 5.02 16.07
N GLY A 56 -4.01 4.23 15.42
CA GLY A 56 -2.89 3.63 16.12
C GLY A 56 -1.89 4.69 16.56
N TRP A 57 -1.13 4.36 17.61
CA TRP A 57 -0.17 5.33 18.13
C TRP A 57 0.87 5.67 17.06
N ASN A 58 1.41 4.66 16.39
CA ASN A 58 2.51 4.87 15.46
C ASN A 58 2.12 5.82 14.33
N VAL A 59 0.99 5.55 13.69
CA VAL A 59 0.60 6.38 12.55
C VAL A 59 0.23 7.78 13.00
N THR A 60 -0.28 7.93 14.24
CA THR A 60 -0.58 9.27 14.74
C THR A 60 0.68 10.07 14.99
N ASN A 61 1.71 9.43 15.55
CA ASN A 61 2.93 10.12 15.93
C ASN A 61 3.73 10.60 14.73
N TYR A 62 3.64 9.89 13.61
CA TYR A 62 4.50 10.16 12.47
C TYR A 62 3.71 10.82 11.34
N ALA A 63 2.96 10.03 10.54
CA ALA A 63 2.15 10.64 9.49
C ALA A 63 1.16 11.65 10.06
N GLY A 64 0.49 11.30 11.17
CA GLY A 64 -0.58 12.14 11.68
C GLY A 64 -0.10 13.50 12.14
N ALA A 65 1.16 13.58 12.58
CA ALA A 65 1.76 14.83 13.03
C ALA A 65 2.62 15.48 11.95
N VAL A 66 2.68 14.90 10.75
CA VAL A 66 3.56 15.33 9.68
C VAL A 66 4.96 15.50 10.28
N HIS A 67 5.43 14.44 10.95
CA HIS A 67 6.64 14.49 11.75
C HIS A 67 7.71 13.63 11.08
N HIS A 68 8.75 14.27 10.57
CA HIS A 68 9.86 13.55 9.96
C HIS A 68 10.80 13.00 11.01
N GLU A 69 11.16 11.74 10.87
CA GLU A 69 12.19 11.11 11.69
C GLU A 69 13.05 10.25 10.77
N ASP A 70 14.36 10.56 10.72
CA ASP A 70 15.23 9.89 9.77
C ASP A 70 15.20 8.38 9.93
N ASP A 71 15.21 7.89 11.17
CA ASP A 71 15.29 6.44 11.38
C ASP A 71 14.07 5.72 10.86
N ILE A 72 12.94 6.41 10.69
CA ILE A 72 11.76 5.79 10.11
C ILE A 72 11.73 5.99 8.60
N ALA A 73 12.00 7.20 8.14
CA ALA A 73 11.89 7.52 6.72
C ALA A 73 12.89 6.75 5.88
N ARG A 74 14.04 6.42 6.44
CA ARG A 74 15.15 5.85 5.67
C ARG A 74 14.97 4.39 5.33
N ARG A 75 13.99 3.69 5.91
CA ARG A 75 14.07 2.23 5.95
CA ARG A 75 14.09 2.23 5.95
C ARG A 75 13.87 1.59 4.58
N ILE A 76 12.98 2.14 3.76
CA ILE A 76 12.77 1.54 2.44
C ILE A 76 14.05 1.61 1.63
N TRP A 77 14.68 2.79 1.60
CA TRP A 77 15.97 2.95 0.94
C TRP A 77 17.02 2.00 1.51
N ASP A 78 17.28 2.09 2.82
CA ASP A 78 18.38 1.31 3.39
C ASP A 78 18.18 -0.18 3.22
N ARG A 79 16.97 -0.68 3.45
CA ARG A 79 16.78 -2.13 3.40
C ARG A 79 16.74 -2.65 1.98
N TYR A 80 16.08 -1.95 1.05
CA TYR A 80 16.07 -2.46 -0.32
C TYR A 80 17.46 -2.37 -0.94
N TYR A 81 18.21 -1.29 -0.69
CA TYR A 81 19.54 -1.23 -1.29
C TYR A 81 20.48 -2.25 -0.65
N GLU A 82 20.35 -2.49 0.66
CA GLU A 82 21.28 -3.38 1.36
C GLU A 82 21.05 -4.85 1.00
N VAL A 83 19.81 -5.23 0.73
CA VAL A 83 19.48 -6.64 0.52
C VAL A 83 19.05 -6.88 -0.92
N ALA A 84 17.83 -6.47 -1.29
CA ALA A 84 17.31 -6.84 -2.60
C ALA A 84 18.17 -6.32 -3.74
N ILE A 85 18.52 -5.03 -3.72
CA ILE A 85 19.25 -4.49 -4.87
C ILE A 85 20.63 -5.14 -4.96
N LYS A 86 21.30 -5.35 -3.83
CA LYS A 86 22.61 -6.00 -3.88
C LYS A 86 22.49 -7.40 -4.48
N ASN A 87 21.49 -8.16 -4.03
CA ASN A 87 21.30 -9.52 -4.53
C ASN A 87 20.95 -9.52 -6.02
N LEU A 88 20.05 -8.62 -6.43
CA LEU A 88 19.63 -8.56 -7.83
C LEU A 88 20.79 -8.19 -8.71
N VAL A 89 21.56 -7.17 -8.34
CA VAL A 89 22.65 -6.72 -9.20
C VAL A 89 23.72 -7.80 -9.33
N ASP A 90 24.05 -8.45 -8.21
CA ASP A 90 25.00 -9.55 -8.26
C ASP A 90 24.50 -10.68 -9.15
N ALA A 91 23.22 -11.07 -8.98
CA ALA A 91 22.68 -12.19 -9.74
C ALA A 91 22.54 -11.86 -11.21
N ILE A 92 22.21 -10.61 -11.54
CA ILE A 92 22.13 -10.19 -12.94
C ILE A 92 23.49 -10.33 -13.60
N HIS A 93 24.57 -9.93 -12.90
CA HIS A 93 25.91 -10.09 -13.44
C HIS A 93 26.28 -11.57 -13.64
N LYS A 94 25.69 -12.48 -12.84
CA LYS A 94 26.07 -13.88 -12.83
C LYS A 94 25.11 -14.77 -13.61
N SER A 95 24.19 -14.20 -14.37
CA SER A 95 23.17 -15.00 -15.05
C SER A 95 23.12 -14.73 -16.55
N GLU A 96 24.20 -14.22 -17.14
CA GLU A 96 24.16 -13.94 -18.58
CA GLU A 96 24.17 -13.95 -18.58
C GLU A 96 23.98 -15.21 -19.40
N ASP A 97 24.26 -16.39 -18.83
CA ASP A 97 24.05 -17.67 -19.48
C ASP A 97 22.68 -18.28 -19.20
N LYS A 98 21.83 -17.61 -18.41
CA LYS A 98 20.52 -18.12 -17.98
C LYS A 98 19.51 -17.03 -18.30
N ALA A 99 19.08 -16.97 -19.56
CA ALA A 99 18.36 -15.80 -20.02
C ALA A 99 17.00 -15.62 -19.34
N ASN A 100 16.33 -16.72 -18.97
CA ASN A 100 15.01 -16.56 -18.36
C ASN A 100 15.14 -15.98 -16.96
N LEU A 101 16.04 -16.54 -16.16
CA LEU A 101 16.32 -16.01 -14.83
C LEU A 101 16.82 -14.57 -14.92
N ASN A 102 17.72 -14.30 -15.87
CA ASN A 102 18.25 -12.95 -16.01
C ASN A 102 17.14 -11.95 -16.26
N ALA A 103 16.18 -12.30 -17.12
CA ALA A 103 15.07 -11.39 -17.39
C ALA A 103 14.19 -11.21 -16.15
N ALA A 104 13.94 -12.28 -15.40
CA ALA A 104 13.11 -12.14 -14.20
C ALA A 104 13.78 -11.28 -13.14
N LEU A 105 15.10 -11.46 -12.95
CA LEU A 105 15.86 -10.62 -12.03
C LEU A 105 15.75 -9.16 -12.42
N ARG A 106 15.93 -8.88 -13.70
CA ARG A 106 15.89 -7.50 -14.17
C ARG A 106 14.50 -6.88 -14.03
N ILE A 107 13.44 -7.67 -14.21
CA ILE A 107 12.09 -7.17 -14.02
C ILE A 107 11.86 -6.81 -12.56
N HIS A 108 12.29 -7.68 -11.63
CA HIS A 108 12.10 -7.31 -10.23
C HIS A 108 12.97 -6.11 -9.86
N ARG A 109 14.13 -5.95 -10.47
CA ARG A 109 14.92 -4.74 -10.21
CA ARG A 109 14.92 -4.74 -10.20
C ARG A 109 14.17 -3.49 -10.66
N VAL A 110 13.54 -3.54 -11.85
CA VAL A 110 12.71 -2.42 -12.28
C VAL A 110 11.61 -2.15 -11.27
N TYR A 111 10.94 -3.20 -10.83
CA TYR A 111 9.84 -3.03 -9.88
C TYR A 111 10.32 -2.31 -8.61
N LEU A 112 11.40 -2.81 -8.00
CA LEU A 112 11.86 -2.20 -6.76
C LEU A 112 12.41 -0.79 -6.99
N LEU A 113 13.10 -0.56 -8.10
CA LEU A 113 13.55 0.80 -8.37
C LEU A 113 12.38 1.74 -8.57
N SER A 114 11.26 1.25 -9.11
CA SER A 114 10.10 2.13 -9.25
C SER A 114 9.53 2.47 -7.89
N VAL A 115 9.51 1.52 -6.96
CA VAL A 115 9.06 1.85 -5.60
C VAL A 115 10.01 2.84 -4.95
N LEU A 116 11.32 2.62 -5.08
CA LEU A 116 12.28 3.55 -4.48
C LEU A 116 12.14 4.95 -5.07
N ALA A 117 12.04 5.06 -6.39
CA ALA A 117 11.92 6.37 -7.02
C ALA A 117 10.61 7.04 -6.68
N ASP A 118 9.52 6.26 -6.59
CA ASP A 118 8.24 6.85 -6.22
C ASP A 118 8.20 7.27 -4.76
N THR A 119 9.10 6.74 -3.95
CA THR A 119 9.16 7.12 -2.54
C THR A 119 10.04 8.36 -2.33
N TYR A 120 11.23 8.36 -2.92
CA TYR A 120 12.25 9.37 -2.62
C TYR A 120 12.54 10.36 -3.73
N GLY A 121 12.24 10.02 -4.99
CA GLY A 121 12.57 10.85 -6.12
C GLY A 121 13.80 10.33 -6.86
N ASP A 122 14.71 11.22 -7.26
CA ASP A 122 15.96 10.78 -7.89
C ASP A 122 16.69 9.77 -7.02
N ILE A 123 17.16 8.68 -7.62
CA ILE A 123 17.77 7.59 -6.84
C ILE A 123 18.91 6.97 -7.64
N PRO A 124 19.84 6.32 -6.95
CA PRO A 124 20.84 5.51 -7.66
C PRO A 124 20.20 4.36 -8.41
N ALA A 125 20.60 4.18 -9.66
CA ALA A 125 20.11 3.08 -10.47
C ALA A 125 21.11 2.72 -11.56
N SER A 126 21.27 3.59 -12.56
CA SER A 126 22.18 3.27 -13.66
C SER A 126 23.62 3.06 -13.19
N GLU A 127 24.06 3.76 -12.14
CA GLU A 127 25.40 3.59 -11.61
C GLU A 127 25.43 2.72 -10.36
N ALA A 128 24.32 2.09 -10.02
CA ALA A 128 24.27 1.21 -8.85
C ALA A 128 24.61 -0.22 -9.30
N GLY A 129 25.89 -0.41 -9.59
CA GLY A 129 26.40 -1.69 -10.06
C GLY A 129 27.29 -2.42 -9.07
N LEU A 130 28.21 -3.25 -9.58
CA LEU A 130 29.02 -4.11 -8.71
C LEU A 130 29.86 -3.30 -7.73
N GLY A 131 30.44 -2.17 -8.17
CA GLY A 131 31.20 -1.36 -7.25
C GLY A 131 30.35 -0.78 -6.14
N TYR A 132 29.14 -0.34 -6.48
CA TYR A 132 28.28 0.26 -5.46
C TYR A 132 27.86 -0.78 -4.43
N ILE A 133 27.48 -1.98 -4.88
CA ILE A 133 26.99 -2.95 -3.90
C ILE A 133 28.13 -3.53 -3.07
N SER A 134 29.38 -3.41 -3.53
CA SER A 134 30.56 -3.74 -2.73
C SER A 134 31.01 -2.58 -1.84
N GLY A 135 30.37 -1.42 -1.95
CA GLY A 135 30.66 -0.29 -1.09
C GLY A 135 31.85 0.56 -1.49
N ILE A 136 32.35 0.41 -2.72
CA ILE A 136 33.58 1.08 -3.12
C ILE A 136 33.34 2.17 -4.14
N SER A 137 32.10 2.39 -4.57
CA SER A 137 31.80 3.35 -5.62
C SER A 137 30.57 4.16 -5.21
N ASN A 138 30.59 5.47 -5.52
CA ASN A 138 29.50 6.41 -5.23
C ASN A 138 28.67 6.62 -6.49
N PRO A 139 27.42 6.18 -6.54
CA PRO A 139 26.61 6.40 -7.74
C PRO A 139 25.91 7.75 -7.74
N LYS A 140 25.79 8.32 -8.94
CA LYS A 140 24.89 9.46 -9.10
C LYS A 140 23.45 9.04 -8.84
N TYR A 141 22.60 10.03 -8.54
CA TYR A 141 21.17 9.77 -8.42
C TYR A 141 20.54 10.07 -9.78
N ASP A 142 19.98 9.04 -10.43
CA ASP A 142 19.31 9.25 -11.71
C ASP A 142 18.04 10.08 -11.51
N THR A 143 17.72 10.91 -12.50
CA THR A 143 16.49 11.68 -12.39
C THR A 143 15.26 10.79 -12.60
N VAL A 144 14.16 11.18 -11.99
CA VAL A 144 12.91 10.44 -12.12
C VAL A 144 12.50 10.31 -13.59
N GLU A 145 12.62 11.40 -14.35
CA GLU A 145 12.27 11.36 -15.77
C GLU A 145 13.10 10.32 -16.51
N ASP A 146 14.42 10.31 -16.28
CA ASP A 146 15.29 9.36 -16.95
C ASP A 146 15.01 7.93 -16.48
N LEU A 147 14.70 7.77 -15.20
CA LEU A 147 14.38 6.45 -14.66
CA LEU A 147 14.42 6.44 -14.69
C LEU A 147 13.15 5.87 -15.33
N TYR A 148 12.08 6.67 -15.44
CA TYR A 148 10.87 6.16 -16.06
C TYR A 148 11.11 5.82 -17.53
N GLY A 149 11.88 6.64 -18.25
CA GLY A 149 12.22 6.27 -19.62
C GLY A 149 12.92 4.93 -19.69
N TRP A 150 13.86 4.72 -18.76
CA TRP A 150 14.58 3.46 -18.73
C TRP A 150 13.66 2.29 -18.34
N PHE A 151 12.68 2.49 -17.46
CA PHE A 151 11.74 1.41 -17.14
C PHE A 151 11.11 0.88 -18.41
N PHE A 152 10.70 1.77 -19.30
CA PHE A 152 10.05 1.30 -20.52
C PHE A 152 11.00 0.51 -21.41
N THR A 153 12.23 1.01 -21.60
CA THR A 153 13.13 0.25 -22.46
CA THR A 153 13.21 0.29 -22.42
C THR A 153 13.57 -1.06 -21.82
N GLU A 154 13.80 -1.08 -20.51
CA GLU A 154 14.25 -2.30 -19.87
C GLU A 154 13.13 -3.33 -19.81
N LEU A 155 11.90 -2.92 -19.54
CA LEU A 155 10.82 -3.91 -19.51
C LEU A 155 10.54 -4.45 -20.90
N ASP A 156 10.67 -3.63 -21.95
CA ASP A 156 10.52 -4.14 -23.32
C ASP A 156 11.58 -5.21 -23.60
N ALA A 157 12.84 -4.91 -23.25
CA ALA A 157 13.92 -5.88 -23.48
C ALA A 157 13.71 -7.16 -22.69
N CYS A 158 13.29 -7.04 -21.42
CA CYS A 158 13.12 -8.22 -20.60
C CYS A 158 11.93 -9.04 -21.06
N GLU A 159 10.86 -8.37 -21.46
CA GLU A 159 9.68 -9.10 -21.90
C GLU A 159 10.01 -9.93 -23.13
N GLN A 160 10.87 -9.40 -24.02
CA GLN A 160 11.24 -10.20 -25.18
CA GLN A 160 11.31 -10.16 -25.20
C GLN A 160 12.25 -11.28 -24.83
N GLN A 161 13.15 -11.02 -23.88
CA GLN A 161 14.17 -12.00 -23.52
C GLN A 161 13.56 -13.22 -22.81
N LEU A 162 12.48 -13.03 -22.07
CA LEU A 162 11.82 -14.16 -21.43
C LEU A 162 11.48 -15.23 -22.45
N GLY A 163 11.81 -16.48 -22.11
CA GLY A 163 11.55 -17.58 -23.00
C GLY A 163 12.65 -17.83 -24.03
N THR A 164 13.64 -16.96 -24.13
CA THR A 164 14.77 -17.25 -25.01
C THR A 164 15.84 -18.10 -24.34
N GLY A 165 15.72 -18.36 -23.05
CA GLY A 165 16.54 -19.35 -22.39
C GLY A 165 15.81 -20.67 -22.31
N THR A 166 16.56 -21.70 -21.92
CA THR A 166 15.99 -23.00 -21.57
C THR A 166 16.04 -23.24 -20.08
N ASP A 167 16.49 -22.26 -19.30
CA ASP A 167 16.65 -22.43 -17.87
C ASP A 167 15.33 -22.27 -17.12
N HIS A 168 15.20 -23.03 -16.04
CA HIS A 168 14.04 -22.97 -15.16
C HIS A 168 14.30 -21.92 -14.09
N ILE A 169 13.34 -20.99 -13.94
CA ILE A 169 13.41 -19.96 -12.90
C ILE A 169 12.96 -20.58 -11.59
N SER A 170 13.81 -21.43 -11.03
CA SER A 170 13.43 -22.22 -9.86
C SER A 170 13.35 -21.37 -8.59
N GLY A 171 13.93 -20.19 -8.58
CA GLY A 171 13.81 -19.31 -7.43
C GLY A 171 12.55 -18.49 -7.38
N ASP A 172 11.65 -18.67 -8.35
CA ASP A 172 10.43 -17.86 -8.40
C ASP A 172 9.46 -18.28 -7.29
N VAL A 173 9.18 -17.35 -6.37
CA VAL A 173 8.23 -17.55 -5.29
C VAL A 173 6.97 -16.73 -5.50
N THR A 174 6.76 -16.22 -6.71
CA THR A 174 5.53 -15.51 -7.05
C THR A 174 4.49 -16.46 -7.62
N SER A 175 3.29 -15.89 -7.76
CA SER A 175 2.18 -16.57 -8.42
C SER A 175 2.49 -16.94 -9.87
N MET A 176 3.50 -16.32 -10.47
CA MET A 176 3.89 -16.66 -11.84
CA MET A 176 3.82 -16.69 -11.84
C MET A 176 4.43 -18.08 -11.93
N GLY A 177 4.91 -18.63 -10.82
CA GLY A 177 5.34 -20.03 -10.76
C GLY A 177 6.32 -20.44 -11.82
N GLY A 178 7.27 -19.56 -12.15
CA GLY A 178 8.31 -19.82 -13.13
C GLY A 178 7.85 -19.80 -14.57
N ASP A 179 6.58 -19.48 -14.84
CA ASP A 179 6.02 -19.54 -16.19
C ASP A 179 6.41 -18.26 -16.92
N VAL A 180 7.21 -18.39 -17.98
CA VAL A 180 7.70 -17.19 -18.66
C VAL A 180 6.54 -16.44 -19.32
N ALA A 181 5.47 -17.13 -19.74
CA ALA A 181 4.33 -16.41 -20.31
C ALA A 181 3.67 -15.50 -19.28
N LYS A 182 3.66 -15.93 -18.01
CA LYS A 182 3.08 -15.10 -16.97
C LYS A 182 4.01 -13.94 -16.62
N TRP A 183 5.33 -14.16 -16.63
CA TRP A 183 6.27 -13.06 -16.43
C TRP A 183 6.15 -12.03 -17.55
N LYS A 184 5.88 -12.47 -18.79
CA LYS A 184 5.70 -11.54 -19.90
C LYS A 184 4.47 -10.67 -19.68
N LYS A 185 3.35 -11.30 -19.28
CA LYS A 185 2.15 -10.52 -18.99
C LYS A 185 2.38 -9.53 -17.84
N TYR A 186 3.14 -9.96 -16.83
CA TYR A 186 3.51 -9.07 -15.73
C TYR A 186 4.31 -7.87 -16.23
N ALA A 187 5.34 -8.11 -17.05
CA ALA A 187 6.15 -7.00 -17.56
C ALA A 187 5.31 -6.01 -18.36
N ASN A 188 4.39 -6.53 -19.19
CA ASN A 188 3.55 -5.63 -19.97
C ASN A 188 2.57 -4.85 -19.08
N SER A 189 2.09 -5.49 -17.99
CA SER A 189 1.20 -4.79 -17.06
C SER A 189 1.93 -3.68 -16.32
N LEU A 190 3.20 -3.92 -15.93
CA LEU A 190 4.00 -2.86 -15.34
C LEU A 190 4.20 -1.71 -16.31
N ARG A 191 4.44 -2.01 -17.59
CA ARG A 191 4.55 -0.94 -18.58
C ARG A 191 3.28 -0.10 -18.61
N MET A 192 2.13 -0.75 -18.51
CA MET A 192 0.85 -0.04 -18.49
C MET A 192 0.73 0.85 -17.26
N ARG A 193 1.13 0.34 -16.09
CA ARG A 193 1.12 1.15 -14.88
C ARG A 193 2.01 2.38 -15.01
N TYR A 194 3.24 2.18 -15.49
CA TYR A 194 4.16 3.30 -15.60
C TYR A 194 3.74 4.29 -16.68
N ALA A 195 3.11 3.79 -17.76
CA ALA A 195 2.60 4.70 -18.79
C ALA A 195 1.49 5.58 -18.26
N MET A 196 0.55 5.01 -17.49
CA MET A 196 -0.40 5.85 -16.75
C MET A 196 0.26 6.81 -15.79
N ARG A 197 1.31 6.38 -15.10
CA ARG A 197 1.95 7.25 -14.14
C ARG A 197 2.44 8.54 -14.79
N ILE A 198 3.01 8.43 -15.99
CA ILE A 198 3.59 9.61 -16.64
C ILE A 198 2.58 10.37 -17.50
N SER A 199 1.30 10.02 -17.43
CA SER A 199 0.34 10.54 -18.40
C SER A 199 0.00 12.02 -18.20
N ASP A 200 0.32 12.63 -17.06
CA ASP A 200 0.15 14.08 -16.92
C ASP A 200 1.38 14.86 -17.37
N VAL A 201 2.57 14.36 -17.06
CA VAL A 201 3.78 15.12 -17.39
C VAL A 201 4.20 14.89 -18.84
N ASN A 202 3.88 13.73 -19.41
CA ASN A 202 4.20 13.43 -20.80
C ASN A 202 3.08 12.59 -21.39
N PRO A 203 1.97 13.22 -21.75
CA PRO A 203 0.81 12.45 -22.23
C PRO A 203 1.08 11.66 -23.50
N SER A 204 1.86 12.18 -24.43
CA SER A 204 2.08 11.47 -25.68
C SER A 204 2.92 10.23 -25.45
N LYS A 205 3.97 10.33 -24.63
CA LYS A 205 4.74 9.13 -24.31
C LYS A 205 3.91 8.15 -23.50
N GLY A 206 3.13 8.64 -22.54
CA GLY A 206 2.26 7.73 -21.79
C GLY A 206 1.32 6.96 -22.70
N GLN A 207 0.69 7.66 -23.65
CA GLN A 207 -0.25 7.00 -24.54
C GLN A 207 0.48 5.97 -25.40
N GLU A 208 1.63 6.36 -25.96
CA GLU A 208 2.39 5.47 -26.83
C GLU A 208 2.81 4.20 -26.08
N GLU A 209 3.39 4.37 -24.89
CA GLU A 209 3.87 3.21 -24.13
C GLU A 209 2.71 2.35 -23.66
N PHE A 210 1.59 2.98 -23.28
CA PHE A 210 0.44 2.23 -22.80
C PHE A 210 -0.12 1.35 -23.90
N GLU A 211 -0.36 1.95 -25.08
CA GLU A 211 -0.93 1.19 -26.17
C GLU A 211 0.03 0.12 -26.67
N LYS A 212 1.34 0.41 -26.68
CA LYS A 212 2.31 -0.62 -27.10
C LYS A 212 2.22 -1.83 -26.19
N ALA A 213 2.19 -1.60 -24.88
CA ALA A 213 2.11 -2.73 -23.96
C ALA A 213 0.76 -3.43 -24.05
N MET A 214 -0.34 -2.68 -24.16
CA MET A 214 -1.63 -3.36 -24.12
C MET A 214 -1.91 -4.11 -25.42
N ASN A 215 -1.30 -3.70 -26.53
CA ASN A 215 -1.46 -4.40 -27.80
C ASN A 215 -0.42 -5.47 -28.04
N HIS A 216 0.48 -5.70 -27.09
CA HIS A 216 1.56 -6.65 -27.30
C HIS A 216 1.03 -8.07 -27.49
N ALA A 217 1.64 -8.81 -28.43
CA ALA A 217 1.17 -10.16 -28.73
C ALA A 217 1.18 -11.08 -27.51
N ASP A 218 2.06 -10.83 -26.55
CA ASP A 218 2.14 -11.71 -25.40
C ASP A 218 1.14 -11.37 -24.31
N GLY A 219 0.42 -10.27 -24.45
CA GLY A 219 -0.69 -9.98 -23.56
C GLY A 219 -0.27 -9.31 -22.26
N TYR A 220 -1.28 -9.03 -21.46
CA TYR A 220 -1.12 -8.40 -20.16
C TYR A 220 -1.98 -9.16 -19.17
N ILE A 221 -2.01 -8.71 -17.92
CA ILE A 221 -2.77 -9.40 -16.88
C ILE A 221 -4.24 -9.01 -17.05
N ALA A 222 -5.02 -9.89 -17.67
CA ALA A 222 -6.40 -9.62 -18.03
C ALA A 222 -7.41 -10.29 -17.11
N SER A 223 -6.97 -11.22 -16.27
CA SER A 223 -7.85 -11.92 -15.36
C SER A 223 -7.08 -12.24 -14.09
N ALA A 224 -7.82 -12.60 -13.04
CA ALA A 224 -7.18 -12.91 -11.77
C ALA A 224 -6.26 -14.11 -11.87
N ALA A 225 -6.49 -15.01 -12.82
CA ALA A 225 -5.60 -16.15 -13.00
C ALA A 225 -4.17 -15.71 -13.29
N ASP A 226 -3.97 -14.49 -13.78
CA ASP A 226 -2.63 -14.02 -14.09
C ASP A 226 -2.15 -12.94 -13.12
N ASP A 227 -2.89 -12.67 -12.03
CA ASP A 227 -2.38 -11.76 -11.00
C ASP A 227 -0.95 -12.09 -10.60
N ALA A 228 -0.17 -11.04 -10.38
CA ALA A 228 1.23 -11.16 -9.96
C ALA A 228 1.34 -10.78 -8.48
N TYR A 229 1.72 -11.76 -7.65
CA TYR A 229 1.92 -11.49 -6.23
C TYR A 229 2.96 -12.45 -5.70
N ILE A 230 3.60 -12.04 -4.62
CA ILE A 230 4.57 -12.87 -3.93
C ILE A 230 3.84 -13.76 -2.95
N LYS A 231 4.20 -15.04 -2.90
CA LYS A 231 3.52 -16.00 -2.03
C LYS A 231 4.28 -16.12 -0.72
N TYR A 232 3.58 -15.88 0.38
CA TYR A 232 4.14 -15.93 1.71
C TYR A 232 3.56 -17.11 2.47
N ALA A 233 4.28 -17.53 3.51
CA ALA A 233 4.02 -18.79 4.18
C ALA A 233 3.29 -18.59 5.50
N ASP A 234 2.54 -19.62 5.92
CA ASP A 234 1.91 -19.63 7.23
C ASP A 234 2.91 -20.10 8.28
N SER A 235 3.72 -19.17 8.74
CA SER A 235 4.81 -19.39 9.69
C SER A 235 4.70 -18.36 10.81
N PRO A 236 5.27 -18.64 11.99
CA PRO A 236 5.07 -17.71 13.12
C PRO A 236 5.69 -16.33 12.90
N TYR A 237 5.00 -15.32 13.44
CA TYR A 237 5.49 -13.95 13.46
C TYR A 237 6.57 -13.73 14.52
N THR A 238 7.57 -12.89 14.19
CA THR A 238 8.62 -12.55 15.16
C THR A 238 8.87 -11.05 15.33
N TYR A 239 8.25 -10.19 14.53
CA TYR A 239 8.30 -8.72 14.70
C TYR A 239 9.77 -8.27 14.66
N TYR A 240 10.23 -7.46 15.61
CA TYR A 240 11.61 -7.00 15.55
C TYR A 240 12.62 -8.03 16.03
N ASP A 241 12.19 -9.17 16.52
CA ASP A 241 13.15 -10.15 17.04
C ASP A 241 13.94 -10.79 15.91
N GLY A 242 15.23 -10.99 16.15
CA GLY A 242 16.10 -11.64 15.18
C GLY A 242 16.22 -10.89 13.86
N ALA A 243 16.39 -9.57 13.92
CA ALA A 243 16.44 -8.78 12.69
C ALA A 243 17.59 -9.19 11.78
N ASN A 244 18.69 -9.68 12.36
CA ASN A 244 19.82 -10.13 11.55
C ASN A 244 19.53 -11.40 10.78
N ASP A 245 18.51 -12.16 11.18
CA ASP A 245 18.30 -13.52 10.69
C ASP A 245 16.97 -13.67 9.94
N TYR A 246 16.48 -12.59 9.35
CA TYR A 246 15.18 -12.61 8.68
C TYR A 246 15.22 -13.55 7.46
N ASP A 247 14.27 -14.50 7.39
CA ASP A 247 14.12 -15.31 6.19
C ASP A 247 13.11 -14.72 5.21
N PHE A 248 12.42 -13.66 5.60
CA PHE A 248 11.42 -12.98 4.80
C PHE A 248 10.29 -13.88 4.35
N ARG A 249 10.03 -15.00 5.03
CA ARG A 249 9.08 -15.97 4.51
C ARG A 249 7.63 -15.58 4.76
N THR A 250 7.36 -14.67 5.70
CA THR A 250 5.99 -14.26 6.02
C THR A 250 5.77 -12.80 5.61
N ASN A 251 4.50 -12.44 5.42
CA ASN A 251 4.16 -11.10 4.98
C ASN A 251 4.22 -10.14 6.18
N ALA A 252 5.25 -9.30 6.19
CA ALA A 252 5.52 -8.41 7.30
C ALA A 252 4.67 -7.13 7.28
N LEU A 253 4.00 -6.82 6.17
CA LEU A 253 3.05 -5.71 6.19
C LEU A 253 1.87 -6.02 7.09
N GLY A 254 1.21 -7.17 6.86
CA GLY A 254 0.13 -7.54 7.75
C GLY A 254 0.62 -7.70 9.18
N GLU A 255 1.85 -8.18 9.35
CA GLU A 255 2.44 -8.34 10.67
C GLU A 255 2.50 -7.01 11.42
N ILE A 256 3.03 -5.97 10.76
CA ILE A 256 3.15 -4.70 11.49
C ILE A 256 1.80 -4.05 11.67
N LEU A 257 0.84 -4.30 10.76
CA LEU A 257 -0.50 -3.75 10.97
C LEU A 257 -1.19 -4.40 12.16
N TYR A 258 -1.02 -5.71 12.33
CA TYR A 258 -1.48 -6.40 13.54
C TYR A 258 -0.82 -5.82 14.77
N GLY A 259 0.47 -5.58 14.68
CA GLY A 259 1.22 -4.86 15.70
C GLY A 259 1.98 -5.79 16.62
N GLN A 260 3.14 -5.34 17.07
CA GLN A 260 3.87 -6.04 18.11
C GLN A 260 3.25 -5.84 19.49
N ASP A 261 2.28 -4.92 19.58
CA ASP A 261 1.65 -4.50 20.83
C ASP A 261 0.14 -4.64 20.68
N PRO A 262 -0.51 -5.56 21.41
CA PRO A 262 -1.98 -5.70 21.29
C PRO A 262 -2.76 -4.46 21.66
N SER A 263 -2.17 -3.56 22.42
CA SER A 263 -2.84 -2.30 22.72
C SER A 263 -2.68 -1.26 21.62
N SER A 264 -1.95 -1.55 20.55
CA SER A 264 -1.87 -0.69 19.37
C SER A 264 -2.05 -1.51 18.09
N PRO A 265 -3.25 -2.00 17.84
CA PRO A 265 -3.57 -2.61 16.54
C PRO A 265 -3.79 -1.49 15.52
N THR A 266 -4.05 -1.90 14.28
CA THR A 266 -4.34 -0.92 13.23
C THR A 266 -5.83 -0.67 13.13
N PHE A 267 -6.21 0.60 13.24
CA PHE A 267 -7.59 1.04 13.09
C PHE A 267 -7.80 1.66 11.71
N VAL A 268 -9.04 1.56 11.24
CA VAL A 268 -9.41 2.06 9.93
C VAL A 268 -9.75 3.54 10.07
N SER A 269 -9.25 4.36 9.15
CA SER A 269 -9.47 5.80 9.23
C SER A 269 -10.92 6.17 8.90
N SER A 270 -11.30 7.37 9.30
CA SER A 270 -12.60 7.88 8.90
C SER A 270 -12.67 8.14 7.40
N THR A 271 -11.54 8.42 6.75
CA THR A 271 -11.54 8.61 5.31
C THR A 271 -12.00 7.34 4.60
N LEU A 272 -11.41 6.20 4.98
CA LEU A 272 -11.79 4.94 4.36
C LEU A 272 -13.17 4.50 4.83
N PHE A 273 -13.42 4.60 6.14
CA PHE A 273 -14.73 4.22 6.67
C PHE A 273 -15.86 4.94 5.93
N TYR A 274 -15.76 6.27 5.78
CA TYR A 274 -16.87 6.99 5.18
C TYR A 274 -16.91 6.82 3.67
N GLN A 275 -15.77 6.63 3.00
CA GLN A 275 -15.86 6.25 1.59
C GLN A 275 -16.70 4.99 1.43
N LEU A 276 -16.46 3.99 2.28
CA LEU A 276 -17.20 2.73 2.17
C LEU A 276 -18.66 2.91 2.57
N GLN A 277 -18.92 3.58 3.69
CA GLN A 277 -20.30 3.68 4.16
C GLN A 277 -21.14 4.55 3.23
N ASN A 278 -20.57 5.66 2.75
CA ASN A 278 -21.35 6.61 1.96
C ASN A 278 -21.74 6.05 0.61
N THR A 279 -21.01 5.05 0.11
CA THR A 279 -21.32 4.43 -1.17
C THR A 279 -22.03 3.10 -1.01
N GLY A 280 -22.40 2.73 0.21
CA GLY A 280 -23.02 1.42 0.41
C GLY A 280 -22.11 0.27 0.02
N ASP A 281 -20.81 0.43 0.26
CA ASP A 281 -19.83 -0.55 -0.19
C ASP A 281 -19.92 -1.79 0.68
N PRO A 282 -20.15 -2.99 0.11
CA PRO A 282 -20.20 -4.20 0.95
C PRO A 282 -18.88 -4.51 1.62
N ARG A 283 -17.79 -3.86 1.21
CA ARG A 283 -16.51 -4.09 1.88
C ARG A 283 -16.47 -3.47 3.27
N LEU A 284 -17.45 -2.64 3.64
CA LEU A 284 -17.40 -1.90 4.89
C LEU A 284 -17.02 -2.78 6.07
N TYR A 285 -17.81 -3.83 6.34
CA TYR A 285 -17.57 -4.70 7.49
C TYR A 285 -16.90 -6.00 7.09
N ARG A 286 -16.31 -6.06 5.91
CA ARG A 286 -15.23 -7.00 5.63
C ARG A 286 -13.90 -6.38 6.02
N ILE A 287 -13.71 -5.10 5.72
CA ILE A 287 -12.46 -4.42 6.09
C ILE A 287 -12.46 -4.06 7.57
N CYS A 288 -13.60 -3.61 8.10
CA CYS A 288 -13.71 -3.08 9.45
C CYS A 288 -14.34 -4.14 10.34
N ARG A 289 -13.75 -4.40 11.50
CA ARG A 289 -14.36 -5.25 12.53
C ARG A 289 -14.14 -4.59 13.88
N HIS A 290 -14.85 -5.07 14.90
CA HIS A 290 -14.66 -4.63 16.27
C HIS A 290 -14.08 -5.78 17.08
N TYR A 291 -12.92 -5.55 17.70
CA TYR A 291 -12.20 -6.60 18.41
C TYR A 291 -11.98 -6.27 19.87
N TYR A 292 -12.15 -7.28 20.72
CA TYR A 292 -11.63 -7.29 22.07
C TYR A 292 -10.50 -8.29 22.07
N ASN A 293 -9.26 -7.83 22.21
CA ASN A 293 -8.14 -8.66 21.78
C ASN A 293 -7.08 -8.89 22.86
N ILE A 294 -7.46 -8.83 24.13
CA ILE A 294 -6.44 -8.83 25.19
C ILE A 294 -5.62 -10.11 25.22
N LYS A 295 -6.22 -11.26 24.88
CA LYS A 295 -5.52 -12.54 24.94
C LYS A 295 -5.06 -13.00 23.56
N ARG A 296 -5.08 -12.11 22.55
CA ARG A 296 -4.74 -12.52 21.19
C ARG A 296 -3.33 -13.11 21.13
N SER A 297 -3.15 -14.04 20.21
CA SER A 297 -1.82 -14.62 19.97
C SER A 297 -0.94 -13.63 19.22
N GLN A 298 0.33 -13.52 19.64
CA GLN A 298 1.26 -12.74 18.83
C GLN A 298 1.96 -13.58 17.78
N VAL A 299 1.97 -14.90 17.93
CA VAL A 299 2.67 -15.70 16.93
CA VAL A 299 2.62 -15.79 16.96
C VAL A 299 1.84 -15.82 15.65
N LYS A 300 0.51 -15.87 15.73
CA LYS A 300 -0.33 -15.91 14.54
C LYS A 300 -1.71 -15.42 14.92
N PRO A 301 -2.28 -14.43 14.22
CA PRO A 301 -3.60 -13.91 14.60
C PRO A 301 -4.63 -15.03 14.67
N ASP A 302 -5.35 -15.09 15.79
CA ASP A 302 -6.33 -16.15 16.04
C ASP A 302 -7.73 -15.57 16.15
N LYS A 303 -8.72 -16.32 15.66
CA LYS A 303 -10.09 -15.88 15.84
C LYS A 303 -10.58 -16.07 17.28
N GLU A 304 -9.99 -17.01 18.03
CA GLU A 304 -10.49 -17.30 19.36
C GLU A 304 -10.33 -16.11 20.31
N GLN A 305 -9.19 -15.41 20.26
CA GLN A 305 -8.97 -14.33 21.20
C GLN A 305 -8.79 -12.96 20.55
N ASN A 306 -8.86 -12.86 19.23
CA ASN A 306 -9.25 -11.60 18.59
C ASN A 306 -10.78 -11.65 18.53
N ILE A 307 -11.40 -11.36 19.67
CA ILE A 307 -12.83 -11.67 19.82
C ILE A 307 -13.61 -10.69 18.96
N ASP A 308 -14.27 -11.20 17.93
CA ASP A 308 -14.95 -10.38 16.95
C ASP A 308 -16.37 -10.10 17.46
N LEU A 309 -16.60 -8.87 17.91
CA LEU A 309 -17.86 -8.45 18.47
C LEU A 309 -18.58 -7.45 17.57
N THR A 310 -18.24 -7.45 16.28
CA THR A 310 -18.81 -6.48 15.34
C THR A 310 -20.34 -6.42 15.41
N ASP A 311 -21.00 -7.58 15.30
CA ASP A 311 -22.46 -7.57 15.30
C ASP A 311 -23.02 -7.02 16.60
N GLU A 312 -22.43 -7.39 17.74
CA GLU A 312 -22.93 -6.92 19.01
C GLU A 312 -22.69 -5.42 19.20
N VAL A 313 -21.57 -4.91 18.66
CA VAL A 313 -21.31 -3.47 18.76
C VAL A 313 -22.30 -2.70 17.90
N LEU A 314 -22.57 -3.20 16.69
CA LEU A 314 -23.54 -2.52 15.84
C LEU A 314 -24.94 -2.56 16.44
N ALA A 315 -25.28 -3.66 17.12
CA ALA A 315 -26.60 -3.73 17.77
C ALA A 315 -26.69 -2.71 18.90
N TYR A 316 -25.59 -2.52 19.65
CA TYR A 316 -25.55 -1.49 20.69
C TYR A 316 -25.73 -0.10 20.09
N PHE A 317 -25.02 0.19 18.99
CA PHE A 317 -25.22 1.48 18.32
C PHE A 317 -26.68 1.68 17.95
N GLN A 318 -27.31 0.66 17.37
CA GLN A 318 -28.70 0.78 16.93
C GLN A 318 -29.63 1.04 18.10
N ARG A 319 -29.45 0.31 19.20
CA ARG A 319 -30.28 0.52 20.40
C ARG A 319 -30.17 1.95 20.92
N ASN A 320 -29.00 2.55 20.82
CA ASN A 320 -28.78 3.83 21.49
C ASN A 320 -28.80 5.02 20.54
N ASN A 321 -29.23 4.82 19.29
CA ASN A 321 -29.30 5.91 18.30
C ASN A 321 -27.95 6.59 18.12
N ILE A 322 -26.88 5.80 18.13
CA ILE A 322 -25.55 6.36 17.91
C ILE A 322 -24.90 5.57 16.79
N GLY A 323 -23.61 5.79 16.57
CA GLY A 323 -22.97 5.09 15.49
C GLY A 323 -21.47 5.17 15.59
N GLU A 324 -20.83 4.67 14.53
CA GLU A 324 -19.38 4.52 14.51
C GLU A 324 -18.68 5.86 14.61
N GLU A 325 -17.52 5.86 15.25
CA GLU A 325 -16.61 7.00 15.24
C GLU A 325 -15.24 6.52 14.78
N PRO A 326 -15.05 6.27 13.48
CA PRO A 326 -13.71 5.92 13.01
C PRO A 326 -12.74 7.06 13.29
N CYS A 327 -11.51 6.68 13.67
CA CYS A 327 -10.51 7.68 14.02
C CYS A 327 -10.14 8.53 12.82
N ASN A 328 -10.12 9.85 13.03
CA ASN A 328 -9.64 10.75 11.99
C ASN A 328 -8.13 10.71 11.84
N THR A 329 -7.68 10.88 10.60
CA THR A 329 -6.27 11.17 10.37
C THR A 329 -5.79 12.26 11.31
N GLY A 330 -4.63 12.01 11.95
CA GLY A 330 -4.08 12.94 12.91
C GLY A 330 -4.45 12.66 14.35
N SER A 331 -5.38 11.72 14.60
CA SER A 331 -5.87 11.47 15.94
C SER A 331 -5.72 9.99 16.29
N ALA A 332 -5.35 9.74 17.55
CA ALA A 332 -5.27 8.39 18.08
C ALA A 332 -6.62 7.96 18.62
N TRP A 333 -6.75 6.66 18.90
CA TRP A 333 -8.01 6.12 19.42
C TRP A 333 -8.38 6.77 20.75
N TYR A 334 -7.41 7.24 21.53
CA TYR A 334 -7.70 7.84 22.82
C TYR A 334 -7.92 9.34 22.73
N GLU A 335 -7.93 9.89 21.53
CA GLU A 335 -8.20 11.29 21.25
C GLU A 335 -9.57 11.35 20.58
N ASN A 336 -10.21 12.53 20.59
CA ASN A 336 -11.62 12.62 20.18
C ASN A 336 -12.42 11.48 20.82
N TRP A 337 -12.30 11.41 22.14
CA TRP A 337 -12.71 10.24 22.91
C TRP A 337 -14.12 9.82 22.59
N MET A 338 -14.29 8.53 22.29
CA MET A 338 -15.63 7.99 22.07
C MET A 338 -16.09 7.29 23.33
N ASN A 339 -17.35 7.52 23.69
CA ASN A 339 -17.92 6.91 24.89
CA ASN A 339 -17.93 6.91 24.89
C ASN A 339 -17.74 5.40 24.86
N VAL A 340 -17.27 4.84 25.97
CA VAL A 340 -16.95 3.42 26.06
C VAL A 340 -18.13 2.69 26.69
N ALA A 341 -18.71 1.77 25.94
CA ALA A 341 -19.83 1.00 26.45
C ALA A 341 -19.38 0.03 27.55
N ASP A 342 -20.27 -0.22 28.49
CA ASP A 342 -20.04 -1.27 29.49
C ASP A 342 -20.04 -2.64 28.82
N ALA A 343 -19.31 -3.58 29.43
CA ALA A 343 -19.27 -4.92 28.87
C ALA A 343 -20.66 -5.53 28.77
N ALA A 344 -21.56 -5.13 29.67
CA ALA A 344 -22.94 -5.62 29.67
C ALA A 344 -23.67 -5.33 28.36
N GLU A 345 -23.21 -4.37 27.56
CA GLU A 345 -23.87 -4.06 26.29
C GLU A 345 -23.64 -5.13 25.23
N PHE A 346 -22.64 -5.99 25.41
CA PHE A 346 -22.28 -6.98 24.40
C PHE A 346 -22.38 -8.37 25.04
N PRO A 347 -23.46 -9.12 24.78
CA PRO A 347 -23.70 -10.34 25.54
C PRO A 347 -22.54 -11.33 25.59
N THR A 348 -21.81 -11.51 24.49
CA THR A 348 -20.65 -12.42 24.50
C THR A 348 -19.60 -11.93 25.49
N LEU A 349 -19.26 -10.64 25.40
CA LEU A 349 -18.27 -10.08 26.31
C LEU A 349 -18.79 -10.04 27.73
N ALA A 350 -20.08 -9.78 27.91
CA ALA A 350 -20.66 -9.76 29.24
C ALA A 350 -20.52 -11.12 29.92
N LYS A 351 -20.81 -12.20 29.19
CA LYS A 351 -20.64 -13.54 29.77
C LYS A 351 -19.19 -13.78 30.14
N LEU A 352 -18.25 -13.41 29.25
CA LEU A 352 -16.84 -13.60 29.56
C LEU A 352 -16.43 -12.78 30.78
N ALA A 353 -16.87 -11.53 30.87
CA ALA A 353 -16.49 -10.66 31.97
C ALA A 353 -17.09 -11.12 33.29
N GLU A 354 -18.27 -11.76 33.25
CA GLU A 354 -18.85 -12.33 34.45
C GLU A 354 -18.06 -13.55 34.91
N GLN A 355 -17.38 -14.21 33.96
CA GLN A 355 -16.49 -15.32 34.30
C GLN A 355 -15.13 -14.86 34.80
N ASP A 356 -14.56 -13.81 34.19
CA ASP A 356 -13.16 -13.42 34.45
C ASP A 356 -13.04 -11.92 34.15
N ALA A 357 -13.27 -11.11 35.18
CA ALA A 357 -13.30 -9.67 34.98
C ALA A 357 -11.93 -9.09 34.66
N ASN A 358 -10.86 -9.67 35.25
CA ASN A 358 -9.52 -9.17 34.96
C ASN A 358 -9.20 -9.25 33.47
N SER A 359 -9.68 -10.28 32.79
CA SER A 359 -9.38 -10.40 31.37
C SER A 359 -10.38 -9.62 30.52
N TYR A 360 -11.66 -9.74 30.84
CA TYR A 360 -12.69 -9.37 29.88
C TYR A 360 -13.49 -8.13 30.27
N ASP A 361 -13.17 -7.49 31.40
CA ASP A 361 -13.80 -6.22 31.75
C ASP A 361 -12.77 -5.10 31.82
N ASN A 362 -11.68 -5.22 31.06
CA ASN A 362 -10.65 -4.19 31.03
C ASN A 362 -11.15 -3.00 30.21
N SER A 363 -11.14 -1.79 30.80
CA SER A 363 -11.77 -0.65 30.15
C SER A 363 -10.93 -0.07 29.01
N ASP A 364 -9.61 -0.24 29.02
CA ASP A 364 -8.82 0.21 27.89
CA ASP A 364 -8.81 0.21 27.89
C ASP A 364 -9.05 -0.67 26.66
N TYR A 365 -9.12 -1.97 26.86
CA TYR A 365 -9.42 -2.86 25.75
C TYR A 365 -10.86 -2.67 25.29
N ARG A 366 -11.78 -2.33 26.19
CA ARG A 366 -13.14 -2.01 25.75
CA ARG A 366 -13.14 -2.01 25.75
C ARG A 366 -13.18 -0.71 24.95
N ALA A 367 -12.33 0.26 25.32
CA ALA A 367 -12.26 1.49 24.53
C ALA A 367 -11.84 1.22 23.10
N ARG A 368 -10.81 0.38 22.93
CA ARG A 368 -10.37 0.09 21.56
C ARG A 368 -11.38 -0.79 20.83
N LEU A 369 -12.15 -1.60 21.57
CA LEU A 369 -13.25 -2.33 20.96
C LEU A 369 -14.25 -1.40 20.28
N MET A 370 -14.43 -0.19 20.81
CA MET A 370 -15.40 0.74 20.17
C MET A 370 -15.04 1.22 18.76
N ARG A 371 -13.76 1.22 18.37
CA ARG A 371 -13.33 1.74 17.08
C ARG A 371 -13.33 0.65 16.02
N PRO A 372 -13.51 1.00 14.75
CA PRO A 372 -13.36 0.01 13.67
C PRO A 372 -11.90 -0.33 13.44
N CYS A 373 -11.58 -1.62 13.55
CA CYS A 373 -10.25 -2.19 13.44
C CYS A 373 -10.11 -2.89 12.10
N LEU A 374 -8.90 -2.93 11.57
CA LEU A 374 -8.67 -3.74 10.37
C LEU A 374 -8.86 -5.23 10.68
N ASN A 375 -9.67 -5.89 9.86
CA ASN A 375 -9.88 -7.34 9.96
C ASN A 375 -8.55 -8.10 10.00
N ILE A 376 -8.43 -9.03 10.94
CA ILE A 376 -7.21 -9.82 11.02
C ILE A 376 -6.97 -10.65 9.76
N ASP A 377 -8.00 -10.85 8.90
CA ASP A 377 -7.74 -11.53 7.63
C ASP A 377 -6.67 -10.83 6.80
N PHE A 378 -6.51 -9.53 6.95
CA PHE A 378 -5.50 -8.77 6.21
C PHE A 378 -4.15 -8.77 6.90
N GLU A 379 -4.04 -9.47 8.01
CA GLU A 379 -2.88 -9.40 8.88
C GLU A 379 -2.24 -10.77 9.08
N MET A 380 -2.56 -11.74 8.21
CA MET A 380 -2.01 -13.06 8.44
C MET A 380 -0.69 -13.28 7.72
N PRO A 381 0.12 -14.17 8.29
CA PRO A 381 1.48 -14.36 7.74
C PRO A 381 1.47 -14.79 6.28
N SER A 382 0.46 -15.53 5.84
CA SER A 382 0.42 -16.03 4.48
C SER A 382 -0.31 -15.10 3.52
N CYS A 383 -0.65 -13.88 3.94
CA CYS A 383 -1.28 -12.95 3.01
C CYS A 383 -0.36 -12.71 1.80
N PRO A 384 -0.91 -12.59 0.61
CA PRO A 384 -0.08 -12.38 -0.58
C PRO A 384 0.55 -11.00 -0.54
N GLY A 385 1.70 -10.89 -1.19
CA GLY A 385 2.27 -9.57 -1.41
C GLY A 385 1.99 -9.09 -2.81
N ILE A 386 1.04 -8.18 -2.98
CA ILE A 386 0.55 -7.84 -4.31
C ILE A 386 1.62 -7.08 -5.09
N LEU A 387 1.87 -7.53 -6.32
CA LEU A 387 2.67 -6.74 -7.25
C LEU A 387 1.76 -5.97 -8.19
N ILE A 388 0.95 -6.69 -8.99
CA ILE A 388 -0.06 -6.00 -9.79
C ILE A 388 -1.18 -7.00 -10.11
N THR A 389 -2.41 -6.51 -10.00
CA THR A 389 -3.62 -7.30 -10.18
C THR A 389 -4.34 -6.97 -11.47
N SER A 390 -5.18 -7.91 -11.92
CA SER A 390 -6.01 -7.62 -13.07
C SER A 390 -7.00 -6.50 -12.78
N ALA A 391 -7.41 -6.33 -11.51
CA ALA A 391 -8.31 -5.23 -11.15
C ALA A 391 -7.67 -3.87 -11.43
N GLU A 392 -6.39 -3.70 -11.04
CA GLU A 392 -5.68 -2.48 -11.38
C GLU A 392 -5.65 -2.26 -12.88
N VAL A 393 -5.30 -3.30 -13.65
CA VAL A 393 -5.25 -3.13 -15.09
C VAL A 393 -6.61 -2.73 -15.64
N ASP A 394 -7.70 -3.25 -15.08
CA ASP A 394 -9.04 -2.84 -15.49
C ASP A 394 -9.23 -1.34 -15.27
N PHE A 395 -8.81 -0.85 -14.09
CA PHE A 395 -8.95 0.59 -13.82
C PHE A 395 -8.04 1.43 -14.73
N LEU A 396 -6.86 0.90 -15.07
CA LEU A 396 -5.97 1.60 -16.00
C LEU A 396 -6.62 1.71 -17.38
N LEU A 397 -7.19 0.61 -17.85
CA LEU A 397 -7.92 0.62 -19.13
C LEU A 397 -9.11 1.57 -19.09
N ALA A 398 -9.86 1.58 -17.98
CA ALA A 398 -11.00 2.50 -17.87
C ALA A 398 -10.54 3.95 -17.99
N GLU A 399 -9.48 4.31 -17.25
CA GLU A 399 -8.99 5.68 -17.32
C GLU A 399 -8.40 6.00 -18.69
N ALA A 400 -7.65 5.08 -19.29
CA ALA A 400 -7.14 5.29 -20.63
C ALA A 400 -8.28 5.55 -21.61
N LYS A 401 -9.40 4.83 -21.48
CA LYS A 401 -10.52 5.07 -22.36
C LYS A 401 -11.10 6.47 -22.16
N THR A 402 -11.23 6.91 -20.89
CA THR A 402 -11.75 8.25 -20.65
C THR A 402 -10.82 9.34 -21.21
N LYS A 403 -9.52 9.05 -21.36
CA LYS A 403 -8.57 9.97 -21.96
C LYS A 403 -8.64 9.99 -23.48
N GLY A 404 -9.45 9.13 -24.07
CA GLY A 404 -9.53 9.03 -25.52
C GLY A 404 -8.49 8.15 -26.15
N TRP A 405 -7.75 7.37 -25.37
CA TRP A 405 -6.76 6.47 -25.94
C TRP A 405 -7.45 5.32 -26.66
N ASN A 406 -6.71 4.63 -27.52
CA ASN A 406 -7.31 3.64 -28.43
C ASN A 406 -7.44 2.30 -27.70
N VAL A 407 -8.48 2.22 -26.87
CA VAL A 407 -8.75 1.07 -26.00
C VAL A 407 -10.05 0.44 -26.44
N SER A 408 -10.11 -0.88 -26.48
CA SER A 408 -11.31 -1.61 -26.83
CA SER A 408 -11.32 -1.59 -26.84
C SER A 408 -12.30 -1.59 -25.67
N GLY A 409 -13.58 -1.40 -26.00
N GLY A 409 -13.58 -1.40 -25.97
CA GLY A 409 -14.66 -1.35 -25.04
CA GLY A 409 -14.60 -1.43 -24.93
C GLY A 409 -15.14 0.06 -24.79
C GLY A 409 -14.72 -0.12 -24.20
N ASP A 410 -15.93 0.21 -23.73
CA ASP A 410 -16.17 1.52 -23.16
C ASP A 410 -15.63 1.58 -21.73
N ALA A 411 -15.48 2.82 -21.25
CA ALA A 411 -14.89 3.03 -19.93
C ALA A 411 -15.71 2.33 -18.86
N GLU A 412 -17.03 2.35 -19.00
CA GLU A 412 -17.88 1.73 -17.99
CA GLU A 412 -17.91 1.73 -18.02
C GLU A 412 -17.63 0.24 -17.87
N SER A 413 -17.41 -0.46 -19.00
CA SER A 413 -17.18 -1.91 -18.93
C SER A 413 -15.89 -2.22 -18.17
N HIS A 414 -14.83 -1.46 -18.43
CA HIS A 414 -13.56 -1.67 -17.72
C HIS A 414 -13.68 -1.31 -16.25
N TYR A 415 -14.35 -0.20 -15.95
CA TYR A 415 -14.52 0.18 -14.54
C TYR A 415 -15.29 -0.89 -13.77
N GLU A 416 -16.37 -1.42 -14.36
CA GLU A 416 -17.16 -2.44 -13.69
C GLU A 416 -16.36 -3.72 -13.52
N ALA A 417 -15.56 -4.08 -14.53
CA ALA A 417 -14.68 -5.22 -14.36
C ALA A 417 -13.71 -5.00 -13.21
N GLY A 418 -13.18 -3.78 -13.09
CA GLY A 418 -12.23 -3.50 -12.02
C GLY A 418 -12.84 -3.56 -10.64
N VAL A 419 -14.06 -3.03 -10.50
CA VAL A 419 -14.72 -3.10 -9.19
C VAL A 419 -15.01 -4.55 -8.83
N ARG A 420 -15.57 -5.31 -9.79
CA ARG A 420 -15.86 -6.71 -9.52
C ARG A 420 -14.59 -7.47 -9.15
N ALA A 421 -13.50 -7.23 -9.88
CA ALA A 421 -12.26 -7.95 -9.59
C ALA A 421 -11.67 -7.51 -8.26
N SER A 422 -11.89 -6.25 -7.85
CA SER A 422 -11.39 -5.81 -6.55
C SER A 422 -12.13 -6.51 -5.41
N MET A 423 -13.42 -6.76 -5.60
CA MET A 423 -14.19 -7.51 -4.59
CA MET A 423 -14.17 -7.49 -4.58
C MET A 423 -13.79 -8.98 -4.58
N GLU A 424 -13.69 -9.57 -5.77
CA GLU A 424 -13.31 -10.98 -5.82
CA GLU A 424 -13.30 -10.97 -5.84
C GLU A 424 -11.89 -11.19 -5.30
N MET A 425 -11.03 -10.17 -5.41
CA MET A 425 -9.70 -10.29 -4.83
CA MET A 425 -9.69 -10.29 -4.82
C MET A 425 -9.78 -10.51 -3.33
N LEU A 426 -10.66 -9.78 -2.64
CA LEU A 426 -10.85 -10.01 -1.21
C LEU A 426 -11.35 -11.42 -0.97
N ASN A 427 -12.34 -11.86 -1.76
CA ASN A 427 -12.86 -13.21 -1.58
C ASN A 427 -11.78 -14.27 -1.78
N ASN A 428 -10.89 -14.06 -2.75
CA ASN A 428 -9.95 -15.10 -3.16
C ASN A 428 -8.67 -15.09 -2.35
N TYR A 429 -8.20 -13.92 -1.88
CA TYR A 429 -6.88 -13.83 -1.28
C TYR A 429 -6.91 -13.55 0.21
N TYR A 430 -8.03 -13.09 0.76
CA TYR A 430 -8.04 -12.61 2.14
C TYR A 430 -9.14 -13.17 3.03
N LEU A 431 -10.40 -13.09 2.59
CA LEU A 431 -11.50 -13.31 3.53
C LEU A 431 -11.61 -14.79 3.89
N THR A 432 -11.70 -15.08 5.19
CA THR A 432 -11.82 -16.43 5.70
C THR A 432 -13.25 -16.77 6.08
N SER A 433 -14.15 -15.80 6.00
CA SER A 433 -15.56 -15.95 6.31
C SER A 433 -16.27 -14.76 5.69
N ASN A 434 -17.60 -14.87 5.64
CA ASN A 434 -18.49 -13.80 5.17
C ASN A 434 -17.98 -13.20 3.85
N LYS A 435 -17.83 -14.08 2.86
CA LYS A 435 -17.41 -13.63 1.55
C LYS A 435 -18.48 -12.73 0.93
N ILE A 436 -18.03 -11.87 0.00
CA ILE A 436 -18.92 -10.92 -0.66
C ILE A 436 -19.63 -11.66 -1.79
N SER A 437 -20.95 -11.65 -1.75
CA SER A 437 -21.73 -12.41 -2.72
C SER A 437 -21.81 -11.69 -4.05
N GLU A 438 -22.14 -12.45 -5.10
CA GLU A 438 -22.36 -11.86 -6.42
C GLU A 438 -23.44 -10.80 -6.38
N ASP A 439 -24.50 -11.03 -5.62
CA ASP A 439 -25.58 -10.04 -5.54
C ASP A 439 -25.09 -8.75 -4.88
N GLU A 440 -24.27 -8.86 -3.83
CA GLU A 440 -23.71 -7.68 -3.20
C GLU A 440 -22.83 -6.88 -4.17
N ILE A 441 -22.02 -7.57 -4.96
CA ILE A 441 -21.17 -6.89 -5.94
C ILE A 441 -22.02 -6.20 -6.98
N ASN A 442 -23.03 -6.91 -7.52
CA ASN A 442 -23.84 -6.34 -8.59
C ASN A 442 -24.63 -5.13 -8.09
N ALA A 443 -25.16 -5.20 -6.87
CA ALA A 443 -25.89 -4.06 -6.31
C ALA A 443 -24.98 -2.87 -6.11
N PHE A 444 -23.77 -3.11 -5.57
CA PHE A 444 -22.85 -1.99 -5.40
C PHE A 444 -22.53 -1.34 -6.73
N ILE A 445 -22.26 -2.14 -7.76
CA ILE A 445 -21.90 -1.57 -9.05
C ILE A 445 -23.07 -0.78 -9.64
N ALA A 446 -24.29 -1.31 -9.51
CA ALA A 446 -25.46 -0.61 -10.03
C ALA A 446 -25.67 0.74 -9.35
N ASN A 447 -25.28 0.86 -8.08
CA ASN A 447 -25.45 2.12 -7.37
C ASN A 447 -24.24 3.04 -7.45
N ASN A 448 -23.13 2.62 -8.11
CA ASN A 448 -21.87 3.39 -8.11
C ASN A 448 -21.27 3.44 -9.51
N GLN A 449 -21.98 4.09 -10.43
CA GLN A 449 -21.47 4.22 -11.80
C GLN A 449 -20.41 5.32 -11.90
N LEU A 450 -19.79 5.41 -13.08
CA LEU A 450 -18.71 6.37 -13.28
C LEU A 450 -19.15 7.79 -12.96
N GLY A 451 -20.31 8.19 -13.49
CA GLY A 451 -20.86 9.49 -13.17
C GLY A 451 -20.15 10.65 -13.85
N GLU A 452 -20.34 11.82 -13.24
CA GLU A 452 -19.93 13.08 -13.85
C GLU A 452 -18.41 13.19 -13.95
N ASN A 453 -17.68 12.66 -12.97
CA ASN A 453 -16.23 12.77 -12.91
C ASN A 453 -15.66 11.36 -12.92
N PRO A 454 -15.56 10.72 -14.09
CA PRO A 454 -15.09 9.33 -14.12
C PRO A 454 -13.71 9.14 -13.54
N LYS A 455 -12.81 10.11 -13.75
CA LYS A 455 -11.46 9.97 -13.20
C LYS A 455 -11.49 9.82 -11.69
N GLN A 456 -12.35 10.58 -11.03
CA GLN A 456 -12.47 10.48 -9.59
C GLN A 456 -12.99 9.12 -9.18
N THR A 457 -14.05 8.64 -9.85
CA THR A 457 -14.64 7.37 -9.45
C THR A 457 -13.66 6.22 -9.64
N ILE A 458 -12.99 6.19 -10.81
CA ILE A 458 -12.03 5.13 -11.11
C ILE A 458 -10.93 5.13 -10.07
N ASN A 459 -10.34 6.30 -9.80
CA ASN A 459 -9.17 6.30 -8.93
C ASN A 459 -9.53 6.19 -7.45
N THR A 460 -10.74 6.56 -7.05
CA THR A 460 -11.18 6.26 -5.70
C THR A 460 -11.37 4.76 -5.50
N GLN A 461 -11.98 4.09 -6.48
CA GLN A 461 -12.09 2.64 -6.40
C GLN A 461 -10.70 1.96 -6.42
N ALA A 462 -9.77 2.49 -7.22
CA ALA A 462 -8.42 1.93 -7.22
C ALA A 462 -7.74 2.09 -5.87
N TRP A 463 -7.99 3.22 -5.19
CA TRP A 463 -7.41 3.43 -3.86
C TRP A 463 -7.90 2.38 -2.86
N ILE A 464 -9.19 2.01 -2.94
CA ILE A 464 -9.67 0.90 -2.09
C ILE A 464 -8.92 -0.38 -2.43
N LEU A 465 -8.82 -0.69 -3.73
CA LEU A 465 -8.09 -1.88 -4.18
C LEU A 465 -6.66 -1.92 -3.64
N HIS A 466 -5.98 -0.78 -3.62
CA HIS A 466 -4.58 -0.72 -3.25
C HIS A 466 -4.35 -0.63 -1.74
N MET A 467 -5.39 -0.77 -0.93
CA MET A 467 -5.17 -0.68 0.53
C MET A 467 -3.97 -1.54 1.01
N MET A 468 -3.83 -2.78 0.53
CA MET A 468 -2.72 -3.64 0.95
C MET A 468 -1.48 -3.53 0.06
N ASN A 469 -1.46 -2.55 -0.85
CA ASN A 469 -0.31 -2.27 -1.72
C ASN A 469 0.00 -0.80 -1.54
N PRO A 470 0.52 -0.42 -0.37
CA PRO A 470 0.58 1.00 -0.02
C PRO A 470 1.42 1.84 -0.96
N SER A 471 2.51 1.29 -1.49
CA SER A 471 3.31 2.13 -2.37
C SER A 471 2.52 2.47 -3.63
N GLU A 472 1.78 1.52 -4.19
CA GLU A 472 0.97 1.88 -5.34
C GLU A 472 -0.19 2.78 -4.96
N ALA A 473 -0.79 2.55 -3.78
CA ALA A 473 -1.86 3.46 -3.34
C ALA A 473 -1.35 4.91 -3.30
N TRP A 474 -0.18 5.11 -2.71
CA TRP A 474 0.34 6.46 -2.55
C TRP A 474 0.77 7.04 -3.89
N ALA A 475 1.42 6.24 -4.74
CA ALA A 475 1.83 6.75 -6.03
C ALA A 475 0.62 7.12 -6.90
N ASN A 476 -0.37 6.23 -6.99
CA ASN A 476 -1.51 6.54 -7.85
C ASN A 476 -2.35 7.68 -7.30
N MET A 477 -2.43 7.83 -5.96
CA MET A 477 -3.15 8.96 -5.41
CA MET A 477 -3.15 8.96 -5.41
C MET A 477 -2.42 10.26 -5.73
N ARG A 478 -1.08 10.28 -5.63
CA ARG A 478 -0.34 11.49 -5.98
C ARG A 478 -0.49 11.80 -7.46
N ARG A 479 -0.49 10.78 -8.30
CA ARG A 479 -0.59 11.03 -9.75
C ARG A 479 -1.98 11.51 -10.13
N SER A 480 -3.03 10.79 -9.71
CA SER A 480 -4.38 11.10 -10.15
C SER A 480 -5.04 12.20 -9.34
N ASP A 481 -4.51 12.47 -8.15
CA ASP A 481 -5.02 13.43 -7.17
C ASP A 481 -6.38 13.03 -6.61
N TYR A 482 -6.75 11.75 -6.73
CA TYR A 482 -7.93 11.18 -6.10
C TYR A 482 -7.53 9.91 -5.36
N PRO A 483 -8.27 9.54 -4.33
CA PRO A 483 -9.49 10.17 -3.80
C PRO A 483 -9.23 11.52 -3.15
N ALA A 484 -10.27 12.34 -3.09
CA ALA A 484 -10.22 13.53 -2.26
C ALA A 484 -10.05 13.12 -0.80
N LEU A 485 -8.97 13.57 -0.19
CA LEU A 485 -8.63 13.21 1.18
C LEU A 485 -9.27 14.18 2.16
N LEU A 486 -9.28 13.79 3.44
CA LEU A 486 -9.56 14.80 4.45
C LEU A 486 -8.40 15.78 4.52
N ASP A 487 -8.73 17.07 4.63
CA ASP A 487 -7.77 18.16 4.71
C ASP A 487 -7.17 18.18 6.11
N ARG A 488 -5.90 17.76 6.23
CA ARG A 488 -5.28 17.62 7.54
C ARG A 488 -5.22 18.96 8.28
N SER A 489 -5.06 20.07 7.54
CA SER A 489 -4.98 21.37 8.19
C SER A 489 -6.30 21.78 8.83
N ARG A 490 -7.40 21.11 8.50
CA ARG A 490 -8.70 21.39 9.09
C ARG A 490 -9.09 20.38 10.16
N LEU A 491 -8.17 19.50 10.54
CA LEU A 491 -8.40 18.50 11.57
C LEU A 491 -7.55 18.84 12.79
N ALA A 492 -8.03 18.42 13.95
CA ALA A 492 -7.39 18.76 15.21
C ALA A 492 -5.95 18.25 15.29
N THR A 493 -5.14 18.96 16.08
CA THR A 493 -3.84 18.48 16.51
C THR A 493 -3.88 18.36 18.03
N PHE A 494 -2.95 17.58 18.56
CA PHE A 494 -2.98 17.19 19.98
C PHE A 494 -1.60 17.36 20.61
N PRO A 495 -1.08 18.59 20.64
CA PRO A 495 0.23 18.82 21.27
C PRO A 495 0.26 18.51 22.75
N GLY A 496 -0.87 18.72 23.45
CA GLY A 496 -0.94 18.36 24.86
C GLY A 496 -0.78 16.89 25.14
N ASP A 497 -0.85 16.05 24.10
CA ASP A 497 -0.71 14.61 24.24
C ASP A 497 0.68 14.13 23.89
N GLY A 498 1.63 15.04 23.72
CA GLY A 498 3.00 14.67 23.47
C GLY A 498 3.39 14.51 22.02
N PHE A 499 2.46 14.70 21.10
CA PHE A 499 2.81 14.69 19.68
C PHE A 499 3.44 16.01 19.30
N VAL A 500 4.42 15.95 18.39
CA VAL A 500 5.23 17.09 18.01
C VAL A 500 4.87 17.48 16.59
N TYR A 501 4.47 18.73 16.40
CA TYR A 501 4.04 19.26 15.11
C TYR A 501 5.07 20.28 14.66
N ASP A 502 6.18 19.78 14.13
CA ASP A 502 7.31 20.65 13.80
C ASP A 502 7.34 21.07 12.34
N ASP A 503 6.37 20.67 11.53
CA ASP A 503 6.35 21.10 10.14
C ASP A 503 5.10 21.95 9.97
N PRO A 504 5.22 23.24 9.68
CA PRO A 504 4.03 24.09 9.57
C PRO A 504 3.17 23.79 8.35
N ASN A 505 3.70 23.09 7.36
CA ASN A 505 2.93 22.67 6.20
C ASN A 505 2.35 21.30 6.51
N MET A 506 1.05 21.25 6.75
CA MET A 506 0.41 20.05 7.25
C MET A 506 -0.15 19.20 6.12
N SER A 507 0.05 19.61 4.86
CA SER A 507 -0.45 18.83 3.74
CA SER A 507 -0.44 18.85 3.73
C SER A 507 0.31 17.52 3.62
N MET A 508 -0.30 16.57 2.93
CA MET A 508 0.26 15.23 2.96
C MET A 508 1.57 15.28 2.19
N PRO A 509 2.66 14.77 2.75
CA PRO A 509 3.93 14.76 2.00
C PRO A 509 3.81 14.05 0.67
N THR A 510 4.57 14.55 -0.31
CA THR A 510 4.54 14.01 -1.67
C THR A 510 5.74 13.14 -1.99
N ARG A 511 6.62 12.93 -1.01
CA ARG A 511 7.78 12.05 -1.09
C ARG A 511 8.26 11.91 0.35
N LEU A 512 9.28 11.08 0.54
CA LEU A 512 10.06 11.07 1.79
C LEU A 512 11.43 11.69 1.55
N ARG A 513 12.00 12.24 2.62
CA ARG A 513 13.37 12.74 2.54
C ARG A 513 14.36 11.60 2.31
N TYR A 514 15.50 11.96 1.73
CA TYR A 514 16.60 11.02 1.61
C TYR A 514 17.15 10.66 2.99
N PRO A 515 17.67 9.45 3.15
CA PRO A 515 18.40 9.13 4.40
C PRO A 515 19.49 10.16 4.67
N GLU A 516 19.54 10.65 5.91
CA GLU A 516 20.47 11.73 6.21
C GLU A 516 21.93 11.30 6.06
N LEU A 517 22.22 10.02 6.29
CA LEU A 517 23.60 9.54 6.17
C LEU A 517 24.11 9.63 4.74
N GLU A 518 23.22 9.67 3.75
CA GLU A 518 23.67 9.88 2.38
C GLU A 518 24.48 11.17 2.26
N GLY A 519 24.15 12.18 3.08
CA GLY A 519 24.87 13.43 3.05
C GLY A 519 26.34 13.29 3.38
N GLN A 520 26.71 12.22 4.08
CA GLN A 520 28.11 11.91 4.31
C GLN A 520 28.60 10.83 3.36
N TYR A 521 27.78 9.81 3.11
CA TYR A 521 28.28 8.60 2.47
C TYR A 521 28.35 8.75 0.96
N ASN A 522 27.51 9.62 0.41
CA ASN A 522 27.48 9.89 -1.02
C ASN A 522 27.24 11.38 -1.16
N SER A 523 28.15 12.15 -0.60
CA SER A 523 27.90 13.55 -0.28
C SER A 523 27.70 14.41 -1.52
N VAL A 524 28.49 14.19 -2.56
CA VAL A 524 28.39 15.05 -3.75
C VAL A 524 27.09 14.79 -4.48
N ASN A 525 26.71 13.52 -4.64
CA ASN A 525 25.50 13.20 -5.38
C ASN A 525 24.23 13.53 -4.59
N TYR A 526 24.27 13.37 -3.26
CA TYR A 526 23.18 13.82 -2.41
C TYR A 526 22.97 15.32 -2.55
N LYS A 527 24.06 16.10 -2.42
CA LYS A 527 23.97 17.55 -2.59
C LYS A 527 23.37 17.91 -3.95
N ALA A 528 23.82 17.25 -5.01
CA ALA A 528 23.35 17.60 -6.34
C ALA A 528 21.86 17.29 -6.52
N ALA A 529 21.41 16.16 -5.98
CA ALA A 529 19.99 15.85 -6.05
C ALA A 529 19.16 16.86 -5.28
N ILE A 530 19.67 17.33 -4.14
CA ILE A 530 18.91 18.29 -3.36
C ILE A 530 18.87 19.64 -4.07
N GLU A 531 19.97 20.03 -4.71
CA GLU A 531 19.96 21.28 -5.48
C GLU A 531 18.97 21.19 -6.63
N ARG A 532 18.86 20.02 -7.26
CA ARG A 532 17.91 19.89 -8.36
C ARG A 532 16.46 20.10 -7.90
N MET A 533 16.11 19.74 -6.64
CA MET A 533 14.72 19.99 -6.27
C MET A 533 14.53 21.36 -5.62
N GLY A 534 15.51 22.25 -5.70
CA GLY A 534 15.33 23.59 -5.20
C GLY A 534 16.13 23.96 -3.97
N GLY A 535 16.99 23.06 -3.46
CA GLY A 535 17.98 23.43 -2.48
C GLY A 535 17.77 22.90 -1.07
N THR A 536 16.60 22.33 -0.77
CA THR A 536 16.42 21.63 0.50
C THR A 536 15.74 20.30 0.24
N ASP A 537 16.00 19.34 1.13
CA ASP A 537 15.39 18.01 1.05
C ASP A 537 13.98 18.14 1.59
N ASP A 538 13.05 18.39 0.68
CA ASP A 538 11.70 18.86 0.97
C ASP A 538 10.69 17.76 0.68
N TRP A 539 10.05 17.23 1.73
CA TRP A 539 9.06 16.19 1.43
C TRP A 539 7.71 16.74 1.02
N HIS A 540 7.62 18.05 0.80
CA HIS A 540 6.46 18.64 0.14
C HIS A 540 6.75 18.97 -1.31
N LYS A 541 7.91 18.60 -1.83
CA LYS A 541 8.18 18.83 -3.24
C LYS A 541 7.61 17.67 -4.04
N LYS A 542 6.84 17.99 -5.08
CA LYS A 542 6.26 16.96 -5.93
C LYS A 542 7.32 16.37 -6.86
N LEU A 543 7.16 15.07 -7.15
CA LEU A 543 8.01 14.38 -8.09
C LEU A 543 7.64 14.75 -9.53
N TRP A 544 8.54 14.40 -10.45
CA TRP A 544 8.43 14.82 -11.85
C TRP A 544 7.06 14.48 -12.45
N TRP A 545 6.53 13.29 -12.16
CA TRP A 545 5.26 12.88 -12.77
C TRP A 545 4.05 13.40 -12.00
N ASP A 546 4.26 14.09 -10.88
CA ASP A 546 3.20 14.55 -10.01
C ASP A 546 2.99 16.03 -10.30
N LYS A 547 1.99 16.35 -11.10
CA LYS A 547 1.81 17.72 -11.58
C LYS A 547 0.98 18.61 -10.65
N SER A 548 0.10 18.04 -9.83
CA SER A 548 -0.88 18.83 -9.10
C SER A 548 -1.04 18.31 -7.67
N ASP A 549 -1.67 19.11 -6.83
CA ASP A 549 -1.93 18.72 -5.45
C ASP A 549 -3.08 17.72 -5.36
N VAL A 550 -2.99 16.79 -4.41
CA VAL A 550 -4.10 15.87 -4.19
CA VAL A 550 -4.10 15.87 -4.19
C VAL A 550 -5.33 16.66 -3.76
N ASN A 551 -6.48 16.24 -4.25
CA ASN A 551 -7.73 16.92 -3.90
C ASN A 551 -8.07 16.66 -2.44
N VAL A 552 -8.82 17.59 -1.85
CA VAL A 552 -9.28 17.44 -0.47
C VAL A 552 -10.78 17.68 -0.41
N GLN A 553 -11.42 17.03 0.56
CA GLN A 553 -12.85 17.19 0.76
C GLN A 553 -13.15 18.57 1.32
N GLY A 554 -14.12 19.26 0.72
CA GLY A 554 -14.43 20.63 1.13
C GLY A 554 -15.18 20.73 2.44
N ASP A 555 -15.86 19.68 2.87
CA ASP A 555 -16.59 19.66 4.11
C ASP A 555 -16.45 18.30 4.73
N PHE A 556 -16.51 18.24 6.07
CA PHE A 556 -16.50 16.95 6.74
C PHE A 556 -17.22 17.13 8.08
N ASN A 557 -18.48 16.70 8.12
CA ASN A 557 -19.34 16.82 9.29
C ASN A 557 -19.99 15.48 9.54
N PRO A 558 -19.29 14.54 10.17
CA PRO A 558 -19.80 13.18 10.30
C PRO A 558 -20.96 13.14 11.28
N PRO A 559 -21.81 12.12 11.19
CA PRO A 559 -22.99 12.06 12.06
C PRO A 559 -22.65 11.82 13.51
N TYR A 560 -21.48 11.24 13.80
CA TYR A 560 -21.00 11.02 15.14
C TYR A 560 -19.52 11.34 15.18
N GLY A 561 -19.02 11.64 16.36
CA GLY A 561 -17.60 11.95 16.45
C GLY A 561 -17.32 13.36 15.94
N LYS A 562 -16.04 13.59 15.67
CA LYS A 562 -15.53 14.90 15.31
C LYS A 562 -15.23 14.98 13.81
N GLY A 563 -15.58 16.13 13.22
CA GLY A 563 -15.20 16.38 11.84
C GLY A 563 -14.14 17.45 11.74
N TYR A 564 -14.16 18.21 10.66
CA TYR A 564 -13.29 19.39 10.58
C TYR A 564 -13.59 20.31 11.74
N ILE A 565 -12.54 21.01 12.21
CA ILE A 565 -12.77 22.00 13.25
C ILE A 565 -13.71 23.07 12.70
N LYS A 566 -14.48 23.68 13.59
CA LYS A 566 -15.43 24.69 13.15
C LYS A 566 -14.69 25.91 12.60
N ILE A 567 -15.19 26.42 11.47
CA ILE A 567 -14.55 27.55 10.82
C ILE A 567 -14.48 28.73 11.77
N GLY A 568 -13.28 29.32 11.87
CA GLY A 568 -13.02 30.41 12.77
C GLY A 568 -12.55 30.01 14.15
N SER A 569 -12.53 28.71 14.46
CA SER A 569 -12.13 28.29 15.80
C SER A 569 -10.64 27.95 15.90
N GLY A 570 -9.93 27.84 14.78
CA GLY A 570 -8.58 27.32 14.77
C GLY A 570 -7.50 28.24 15.31
#